data_2VCO
#
_entry.id   2VCO
#
_cell.length_a   90.562
_cell.length_b   90.562
_cell.length_c   79.480
_cell.angle_alpha   90.00
_cell.angle_beta   90.00
_cell.angle_gamma   120.00
#
_symmetry.space_group_name_H-M   'P 31 2 1'
#
loop_
_entity.id
_entity.type
_entity.pdbx_description
1 polymer 'PROTEIN FIMH'
2 branched alpha-D-mannopyranose-(1-3)-[alpha-D-mannopyranose-(1-6)]alpha-D-mannopyranose-(1-4)-2-acetamido-2-deoxy-beta-D-glucopyranose-(1-4)-2-acetamido-2-deoxy-beta-D-glucopyranose
3 non-polymer 'NICKEL (II) ION'
4 non-polymer 'SULFATE ION'
5 water water
#
_entity_poly.entity_id   1
_entity_poly.type   'polypeptide(L)'
_entity_poly.pdbx_seq_one_letter_code
;FACKTANGTAIPIGGGSANVYVNLAPVVNVGQNLVVDLSTQIFCHNDYPETITDYVTLQRGSAYGGVLSNFSGTVKYSGS
SYPFPTTSETPRVVYNSRTDKPWPVALYLTPVSSAGGVAIKAGSLIAVLILRQTNNYNSDDFQFVWNIYANNDVVVPT
;
_entity_poly.pdbx_strand_id   A,B
#
# COMPACT_ATOMS: atom_id res chain seq x y z
N PHE A 1 -1.97 26.77 -8.16
CA PHE A 1 -1.50 25.54 -7.45
C PHE A 1 -0.04 25.37 -7.84
N ALA A 2 0.85 25.24 -6.85
CA ALA A 2 2.23 24.90 -7.16
C ALA A 2 2.82 24.05 -6.04
N CYS A 3 4.00 23.49 -6.29
CA CYS A 3 4.68 22.62 -5.34
C CYS A 3 6.16 23.01 -5.19
N LYS A 4 6.73 22.65 -4.05
CA LYS A 4 8.15 22.81 -3.80
C LYS A 4 8.67 21.62 -3.00
N THR A 5 9.99 21.40 -3.07
CA THR A 5 10.64 20.42 -2.20
C THR A 5 11.21 21.06 -0.93
N ALA A 6 11.34 20.25 0.11
CA ALA A 6 11.74 20.69 1.44
C ALA A 6 12.85 21.70 1.41
N ASN A 7 13.98 21.33 0.84
CA ASN A 7 15.08 22.27 0.78
C ASN A 7 15.63 22.49 -0.62
N GLY A 8 14.76 22.90 -1.53
CA GLY A 8 15.21 23.13 -2.89
C GLY A 8 14.13 23.57 -3.84
N THR A 9 13.97 22.81 -4.89
CA THR A 9 13.44 23.36 -6.10
C THR A 9 11.92 23.42 -6.05
N ALA A 10 11.36 24.19 -6.96
CA ALA A 10 9.93 24.37 -7.03
C ALA A 10 9.49 23.86 -8.39
N ILE A 11 8.23 23.45 -8.45
CA ILE A 11 7.51 23.33 -9.71
C ILE A 11 6.38 24.35 -9.70
N PRO A 12 6.36 25.23 -10.70
CA PRO A 12 5.46 26.37 -10.68
C PRO A 12 4.03 26.05 -11.14
N ILE A 13 3.13 27.03 -11.01
CA ILE A 13 1.78 26.96 -11.59
C ILE A 13 1.92 26.46 -13.01
N GLY A 14 1.12 25.46 -13.40
CA GLY A 14 1.19 24.92 -14.76
C GLY A 14 1.93 23.61 -14.90
N GLY A 15 2.55 23.16 -13.81
CA GLY A 15 3.27 21.90 -13.82
C GLY A 15 4.71 22.02 -14.29
N GLY A 16 5.32 20.88 -14.57
CA GLY A 16 6.76 20.78 -14.81
C GLY A 16 7.34 19.56 -14.10
N SER A 17 8.66 19.56 -13.90
CA SER A 17 9.38 18.42 -13.27
C SER A 17 10.39 18.91 -12.25
N ALA A 18 10.76 18.04 -11.32
CA ALA A 18 11.86 18.30 -10.40
C ALA A 18 12.51 17.01 -9.94
N ASN A 19 13.74 17.11 -9.46
CA ASN A 19 14.49 15.96 -8.99
C ASN A 19 14.57 15.98 -7.49
N VAL A 20 14.37 14.82 -6.87
CA VAL A 20 14.25 14.73 -5.44
C VAL A 20 15.18 13.60 -5.03
N TYR A 21 16.08 13.90 -4.13
CA TYR A 21 16.98 12.91 -3.55
C TYR A 21 16.43 12.41 -2.21
N VAL A 22 16.58 11.12 -1.97
CA VAL A 22 16.03 10.48 -0.76
C VAL A 22 17.09 9.67 -0.05
N ASN A 23 17.03 9.69 1.27
CA ASN A 23 17.90 8.87 2.10
C ASN A 23 17.28 7.50 2.28
N LEU A 24 18.09 6.47 2.00
CA LEU A 24 17.62 5.10 2.08
C LEU A 24 18.44 4.35 3.16
N ALA A 25 17.80 3.42 3.87
CA ALA A 25 18.55 2.57 4.81
C ALA A 25 19.64 1.88 4.01
N PRO A 26 20.89 1.97 4.49
CA PRO A 26 22.01 1.46 3.70
C PRO A 26 22.05 -0.07 3.61
N VAL A 27 21.30 -0.73 4.48
CA VAL A 27 21.25 -2.19 4.53
C VAL A 27 19.82 -2.69 4.70
N VAL A 28 19.39 -3.57 3.81
CA VAL A 28 18.04 -4.14 3.84
C VAL A 28 18.08 -5.64 3.51
N ASN A 29 17.46 -6.44 4.38
CA ASN A 29 17.30 -7.87 4.15
C ASN A 29 15.95 -8.17 3.50
N VAL A 30 15.86 -9.33 2.85
CA VAL A 30 14.57 -9.85 2.41
C VAL A 30 13.59 -9.86 3.59
N GLY A 31 12.34 -9.49 3.32
CA GLY A 31 11.31 -9.47 4.36
C GLY A 31 11.33 -8.19 5.18
N GLN A 32 12.24 -7.28 4.82
CA GLN A 32 12.25 -5.93 5.36
C GLN A 32 11.79 -4.94 4.29
N ASN A 33 11.20 -3.83 4.73
CA ASN A 33 10.88 -2.70 3.85
C ASN A 33 11.90 -1.58 4.00
N LEU A 34 12.34 -1.03 2.87
CA LEU A 34 12.73 0.37 2.82
C LEU A 34 11.44 1.19 2.76
N VAL A 35 11.37 2.21 3.62
CA VAL A 35 10.25 3.14 3.62
C VAL A 35 10.73 4.50 3.13
N VAL A 36 10.19 4.96 2.00
CA VAL A 36 10.55 6.27 1.43
C VAL A 36 9.37 7.23 1.48
N ASP A 37 9.33 8.06 2.51
CA ASP A 37 8.20 8.94 2.78
C ASP A 37 8.44 10.31 2.14
N LEU A 38 7.76 10.58 1.02
CA LEU A 38 7.96 11.86 0.33
C LEU A 38 7.24 13.04 1.00
N SER A 39 6.42 12.75 2.01
CA SER A 39 5.58 13.79 2.60
C SER A 39 6.37 14.77 3.49
N THR A 40 7.56 14.36 3.89
CA THR A 40 8.51 15.27 4.52
C THR A 40 9.34 16.04 3.49
N GLN A 41 9.10 15.79 2.20
CA GLN A 41 9.89 16.43 1.16
C GLN A 41 9.13 17.23 0.11
N ILE A 42 7.90 16.85 -0.19
CA ILE A 42 7.13 17.48 -1.25
C ILE A 42 5.88 18.13 -0.65
N PHE A 43 5.77 19.43 -0.87
CA PHE A 43 4.70 20.27 -0.32
C PHE A 43 3.98 21.04 -1.44
N CYS A 44 2.66 21.10 -1.38
CA CYS A 44 1.89 21.89 -2.33
C CYS A 44 0.86 22.78 -1.64
N HIS A 45 0.31 23.70 -2.41
CA HIS A 45 -0.72 24.59 -1.89
C HIS A 45 -1.60 25.09 -3.04
N ASN A 46 -2.81 25.50 -2.65
CA ASN A 46 -3.81 26.09 -3.52
C ASN A 46 -3.57 27.62 -3.51
N ASP A 47 -3.56 28.22 -4.69
CA ASP A 47 -3.30 29.65 -4.79
C ASP A 47 -4.56 30.52 -4.59
N TYR A 48 -5.75 29.96 -4.86
CA TYR A 48 -6.99 30.72 -4.71
C TYR A 48 -8.08 29.88 -4.07
N PRO A 49 -7.88 29.50 -2.80
CA PRO A 49 -8.73 28.54 -2.12
C PRO A 49 -10.15 29.04 -1.91
N GLU A 50 -10.30 30.35 -1.76
CA GLU A 50 -11.62 30.93 -1.46
C GLU A 50 -12.55 30.82 -2.66
N THR A 51 -11.98 30.56 -3.83
CA THR A 51 -12.77 30.52 -5.06
C THR A 51 -12.57 29.25 -5.88
N ILE A 52 -11.53 28.48 -5.54
CA ILE A 52 -11.15 27.33 -6.35
C ILE A 52 -10.75 26.17 -5.49
N THR A 53 -11.23 24.98 -5.84
CA THR A 53 -10.79 23.73 -5.20
C THR A 53 -9.86 22.97 -6.16
N ASP A 54 -8.66 22.68 -5.69
CA ASP A 54 -7.72 21.85 -6.45
C ASP A 54 -7.82 20.38 -6.04
N TYR A 55 -7.70 19.50 -7.03
CA TYR A 55 -7.72 18.06 -6.84
C TYR A 55 -6.39 17.46 -7.26
N VAL A 56 -5.82 16.60 -6.44
CA VAL A 56 -4.47 16.14 -6.67
C VAL A 56 -4.41 14.62 -6.55
N THR A 57 -4.01 13.95 -7.61
CA THR A 57 -3.84 12.50 -7.57
C THR A 57 -2.38 12.06 -7.69
N LEU A 58 -2.11 10.84 -7.26
CA LEU A 58 -0.94 10.11 -7.76
C LEU A 58 -1.33 9.41 -9.06
N GLN A 59 -0.96 10.02 -10.20
CA GLN A 59 -1.45 9.52 -11.48
C GLN A 59 -0.72 8.24 -11.88
N ARG A 60 0.56 8.17 -11.53
CA ARG A 60 1.39 7.03 -11.90
C ARG A 60 2.67 7.03 -11.07
N GLY A 61 3.04 5.85 -10.60
CA GLY A 61 4.36 5.64 -10.00
C GLY A 61 5.03 4.53 -10.75
N SER A 62 6.32 4.72 -11.00
CA SER A 62 7.15 3.85 -11.83
C SER A 62 8.49 3.63 -11.17
N ALA A 63 9.06 2.45 -11.40
CA ALA A 63 10.33 2.08 -10.82
C ALA A 63 11.42 2.07 -11.88
N TYR A 64 12.64 2.38 -11.45
CA TYR A 64 13.79 2.46 -12.34
C TYR A 64 14.99 1.79 -11.67
N GLY A 65 15.97 1.41 -12.49
CA GLY A 65 17.27 0.95 -12.01
C GLY A 65 17.15 -0.16 -11.00
N GLY A 66 17.79 0.04 -9.86
CA GLY A 66 17.92 -1.01 -8.86
C GLY A 66 16.61 -1.32 -8.16
N VAL A 67 15.74 -0.33 -8.04
CA VAL A 67 14.41 -0.61 -7.51
C VAL A 67 13.61 -1.47 -8.50
N LEU A 68 13.63 -1.12 -9.78
CA LEU A 68 12.94 -1.91 -10.81
C LEU A 68 13.50 -3.35 -10.85
N SER A 69 14.81 -3.50 -10.82
CA SER A 69 15.44 -4.82 -10.86
C SER A 69 15.32 -5.62 -9.56
N ASN A 70 15.45 -4.97 -8.42
CA ASN A 70 15.80 -5.68 -7.18
C ASN A 70 14.77 -5.58 -6.05
N PHE A 71 13.64 -4.91 -6.29
CA PHE A 71 12.66 -4.70 -5.23
C PHE A 71 11.25 -4.92 -5.78
N SER A 72 10.34 -5.33 -4.89
CA SER A 72 8.92 -5.15 -5.13
C SER A 72 8.44 -4.08 -4.17
N GLY A 73 7.29 -3.48 -4.46
CA GLY A 73 6.85 -2.34 -3.67
C GLY A 73 5.36 -2.16 -3.54
N THR A 74 4.98 -1.33 -2.58
CA THR A 74 3.64 -0.79 -2.54
C THR A 74 3.80 0.72 -2.33
N VAL A 75 2.77 1.47 -2.70
CA VAL A 75 2.73 2.91 -2.48
C VAL A 75 1.54 3.24 -1.59
N LYS A 76 1.81 4.03 -0.55
CA LYS A 76 0.76 4.57 0.28
C LYS A 76 0.48 6.02 -0.10
N TYR A 77 -0.75 6.28 -0.56
CA TYR A 77 -1.19 7.64 -0.89
C TYR A 77 -2.43 8.02 -0.10
N SER A 78 -2.29 9.07 0.70
CA SER A 78 -3.36 9.58 1.55
C SER A 78 -4.08 8.45 2.29
N GLY A 79 -3.32 7.55 2.91
CA GLY A 79 -3.91 6.56 3.79
C GLY A 79 -4.30 5.23 3.17
N SER A 80 -4.33 5.15 1.84
CA SER A 80 -4.66 3.93 1.12
C SER A 80 -3.40 3.36 0.42
N SER A 81 -3.33 2.04 0.31
CA SER A 81 -2.17 1.36 -0.26
C SER A 81 -2.45 0.75 -1.64
N TYR A 82 -1.43 0.74 -2.50
CA TYR A 82 -1.55 0.36 -3.91
C TYR A 82 -0.26 -0.37 -4.28
N PRO A 83 -0.29 -1.17 -5.36
CA PRO A 83 0.97 -1.76 -5.79
C PRO A 83 1.90 -0.71 -6.38
N PHE A 84 3.20 -0.97 -6.30
CA PHE A 84 4.16 -0.06 -6.89
C PHE A 84 5.13 -0.89 -7.69
N PRO A 85 5.24 -0.63 -9.01
CA PRO A 85 4.56 0.36 -9.85
C PRO A 85 3.04 0.30 -9.85
N THR A 86 2.44 1.46 -9.99
CA THR A 86 1.01 1.61 -9.81
C THR A 86 0.29 0.98 -11.01
N THR A 87 -0.98 0.64 -10.83
CA THR A 87 -1.79 0.08 -11.90
C THR A 87 -2.88 1.01 -12.36
N SER A 88 -3.22 2.00 -11.55
CA SER A 88 -4.10 3.06 -12.02
C SER A 88 -3.82 4.37 -11.28
N GLU A 89 -4.43 5.46 -11.74
CA GLU A 89 -4.46 6.71 -11.01
C GLU A 89 -5.29 6.62 -9.71
N THR A 90 -4.79 7.22 -8.63
N THR A 90 -4.79 7.22 -8.63
CA THR A 90 -5.44 7.18 -7.32
CA THR A 90 -5.44 7.18 -7.32
C THR A 90 -6.70 8.03 -7.28
C THR A 90 -6.70 8.03 -7.28
N PRO A 91 -7.50 7.88 -6.20
CA PRO A 91 -8.50 8.89 -5.88
C PRO A 91 -7.75 10.19 -5.57
N ARG A 92 -8.49 11.30 -5.59
CA ARG A 92 -7.91 12.64 -5.49
C ARG A 92 -7.83 13.07 -4.04
N VAL A 93 -6.82 13.88 -3.73
CA VAL A 93 -6.77 14.58 -2.46
C VAL A 93 -7.10 16.06 -2.70
N VAL A 94 -7.88 16.65 -1.81
CA VAL A 94 -8.29 18.05 -1.96
C VAL A 94 -7.28 19.02 -1.35
N TYR A 95 -6.85 20.00 -2.13
CA TYR A 95 -6.03 21.09 -1.61
C TYR A 95 -6.86 22.39 -1.55
N ASN A 96 -6.99 22.96 -0.36
CA ASN A 96 -7.96 24.04 -0.11
C ASN A 96 -7.38 25.13 0.77
N SER A 97 -6.07 25.34 0.68
CA SER A 97 -5.40 26.33 1.51
C SER A 97 -4.12 26.82 0.86
N ARG A 98 -3.80 28.09 1.10
CA ARG A 98 -2.56 28.70 0.59
C ARG A 98 -1.36 28.18 1.36
N THR A 99 -1.62 27.70 2.57
CA THR A 99 -0.63 27.05 3.41
C THR A 99 -0.17 25.70 2.83
N ASP A 100 1.15 25.51 2.76
CA ASP A 100 1.75 24.29 2.24
C ASP A 100 1.16 23.07 2.93
N LYS A 101 0.81 22.06 2.14
CA LYS A 101 0.39 20.77 2.66
C LYS A 101 1.26 19.71 1.97
N PRO A 102 1.78 18.74 2.74
CA PRO A 102 2.59 17.70 2.12
C PRO A 102 1.81 16.94 1.06
N TRP A 103 2.53 16.40 0.08
CA TRP A 103 1.94 15.41 -0.81
C TRP A 103 2.13 14.05 -0.10
N PRO A 104 1.02 13.43 0.37
CA PRO A 104 1.05 12.27 1.25
C PRO A 104 1.38 10.93 0.55
N VAL A 105 2.62 10.83 0.03
CA VAL A 105 3.07 9.68 -0.74
C VAL A 105 4.28 9.04 -0.04
N ALA A 106 4.21 7.73 0.09
CA ALA A 106 5.30 6.96 0.72
C ALA A 106 5.44 5.61 0.02
N LEU A 107 6.67 5.25 -0.35
CA LEU A 107 6.95 3.95 -0.98
C LEU A 107 7.39 2.96 0.06
N TYR A 108 6.94 1.72 -0.09
CA TYR A 108 7.43 0.64 0.78
C TYR A 108 8.06 -0.45 -0.09
N LEU A 109 9.38 -0.56 -0.02
CA LEU A 109 10.12 -1.35 -1.02
C LEU A 109 10.83 -2.51 -0.34
N THR A 110 10.64 -3.70 -0.87
CA THR A 110 11.23 -4.89 -0.27
C THR A 110 12.04 -5.69 -1.30
N PRO A 111 13.25 -6.14 -0.92
CA PRO A 111 14.16 -6.79 -1.87
C PRO A 111 13.59 -8.12 -2.32
N VAL A 112 13.72 -8.41 -3.62
CA VAL A 112 13.36 -9.74 -4.13
C VAL A 112 14.52 -10.67 -3.81
N SER A 113 14.34 -11.97 -4.04
CA SER A 113 15.37 -12.93 -3.62
C SER A 113 16.69 -12.79 -4.36
N SER A 114 16.65 -12.28 -5.60
CA SER A 114 17.90 -12.04 -6.35
C SER A 114 18.79 -10.89 -5.88
N ALA A 115 18.19 -9.87 -5.28
CA ALA A 115 18.95 -8.75 -4.70
C ALA A 115 20.14 -9.25 -3.87
N GLY A 116 21.30 -8.60 -4.05
CA GLY A 116 22.52 -9.01 -3.36
C GLY A 116 23.62 -8.05 -3.78
N GLY A 117 24.59 -7.85 -2.89
CA GLY A 117 25.46 -6.67 -2.97
C GLY A 117 24.66 -5.38 -3.08
N VAL A 118 25.18 -4.43 -3.84
CA VAL A 118 24.56 -3.12 -4.02
C VAL A 118 23.31 -3.23 -4.90
N ALA A 119 22.15 -3.29 -4.26
CA ALA A 119 20.87 -3.40 -4.96
C ALA A 119 20.41 -2.05 -5.50
N ILE A 120 20.83 -0.96 -4.86
CA ILE A 120 20.58 0.38 -5.35
C ILE A 120 21.86 1.20 -5.30
N LYS A 121 22.21 1.83 -6.41
CA LYS A 121 23.41 2.69 -6.48
C LYS A 121 23.19 4.12 -6.03
N ALA A 122 24.21 4.69 -5.39
CA ALA A 122 24.17 6.05 -4.91
C ALA A 122 24.02 7.00 -6.11
N GLY A 123 23.11 7.96 -5.97
CA GLY A 123 22.85 8.94 -7.03
C GLY A 123 21.98 8.48 -8.20
N SER A 124 21.54 7.21 -8.20
CA SER A 124 20.78 6.67 -9.35
C SER A 124 19.26 6.91 -9.25
N LEU A 125 18.62 7.07 -10.41
CA LEU A 125 17.18 7.24 -10.48
C LEU A 125 16.50 5.92 -10.04
N ILE A 126 15.62 6.00 -9.04
CA ILE A 126 14.88 4.84 -8.53
C ILE A 126 13.38 4.83 -8.83
N ALA A 127 12.79 6.02 -9.03
CA ALA A 127 11.36 6.10 -9.19
C ALA A 127 10.97 7.38 -9.91
N VAL A 128 9.83 7.38 -10.59
CA VAL A 128 9.16 8.60 -11.04
C VAL A 128 7.74 8.58 -10.48
N LEU A 129 7.35 9.65 -9.80
CA LEU A 129 5.98 9.80 -9.30
C LEU A 129 5.35 11.02 -9.97
N ILE A 130 4.18 10.82 -10.58
CA ILE A 130 3.50 11.88 -11.31
C ILE A 130 2.29 12.32 -10.53
N LEU A 131 2.34 13.59 -10.11
CA LEU A 131 1.25 14.27 -9.43
C LEU A 131 0.39 14.93 -10.50
N ARG A 132 -0.89 14.56 -10.53
CA ARG A 132 -1.79 15.20 -11.48
C ARG A 132 -2.73 16.13 -10.75
N GLN A 133 -2.79 17.39 -11.21
CA GLN A 133 -3.56 18.41 -10.54
C GLN A 133 -4.64 18.98 -11.48
N THR A 134 -5.87 19.02 -10.97
CA THR A 134 -7.00 19.64 -11.63
C THR A 134 -7.73 20.53 -10.64
N ASN A 135 -8.83 21.13 -11.07
CA ASN A 135 -9.62 21.95 -10.18
C ASN A 135 -11.13 21.91 -10.49
N ASN A 136 -11.91 22.65 -9.71
CA ASN A 136 -13.34 22.82 -9.98
C ASN A 136 -13.64 24.16 -10.67
N TYR A 137 -12.70 24.67 -11.47
CA TYR A 137 -12.78 26.04 -11.97
C TYR A 137 -12.74 26.16 -13.49
N ASN A 138 -11.74 25.52 -14.09
CA ASN A 138 -11.55 25.55 -15.53
C ASN A 138 -10.94 24.24 -16.00
N SER A 139 -10.41 24.25 -17.22
CA SER A 139 -9.91 23.04 -17.84
C SER A 139 -8.48 22.67 -17.43
N ASP A 140 -7.91 23.34 -16.42
CA ASP A 140 -6.51 23.10 -16.08
C ASP A 140 -6.28 21.63 -15.75
N ASP A 141 -5.32 21.00 -16.41
CA ASP A 141 -4.97 19.62 -16.13
C ASP A 141 -3.45 19.46 -16.24
N PHE A 142 -2.78 19.46 -15.10
CA PHE A 142 -1.33 19.64 -15.08
C PHE A 142 -0.61 18.48 -14.39
N GLN A 143 0.57 18.14 -14.93
CA GLN A 143 1.45 17.14 -14.34
C GLN A 143 2.63 17.75 -13.60
N PHE A 144 2.83 17.30 -12.37
CA PHE A 144 4.02 17.61 -11.62
C PHE A 144 4.79 16.32 -11.50
N VAL A 145 5.91 16.26 -12.22
CA VAL A 145 6.68 15.03 -12.38
C VAL A 145 7.90 14.99 -11.44
N TRP A 146 7.89 14.06 -10.50
CA TRP A 146 8.94 13.96 -9.51
C TRP A 146 9.88 12.78 -9.79
N ASN A 147 11.12 13.10 -10.13
CA ASN A 147 12.14 12.12 -10.37
C ASN A 147 12.86 11.88 -9.05
N ILE A 148 12.80 10.63 -8.60
CA ILE A 148 13.33 10.24 -7.30
C ILE A 148 14.70 9.58 -7.47
N TYR A 149 15.73 10.18 -6.84
CA TYR A 149 17.11 9.67 -6.87
C TYR A 149 17.54 9.18 -5.48
N ALA A 150 18.31 8.09 -5.45
CA ALA A 150 18.95 7.60 -4.22
C ALA A 150 20.13 8.48 -3.85
N ASN A 151 20.15 8.97 -2.61
CA ASN A 151 21.39 9.54 -2.02
C ASN A 151 22.55 8.53 -1.99
N ASN A 152 22.32 7.42 -1.29
CA ASN A 152 23.37 6.47 -0.91
C ASN A 152 23.13 5.09 -1.53
N ASP A 153 24.16 4.27 -1.55
CA ASP A 153 24.07 2.85 -1.85
C ASP A 153 23.15 2.14 -0.86
N VAL A 154 22.41 1.15 -1.36
CA VAL A 154 21.69 0.25 -0.49
C VAL A 154 22.19 -1.15 -0.78
N VAL A 155 22.64 -1.84 0.27
CA VAL A 155 23.16 -3.19 0.12
C VAL A 155 22.18 -4.22 0.66
N VAL A 156 21.94 -5.26 -0.14
CA VAL A 156 21.21 -6.41 0.37
C VAL A 156 22.22 -7.50 0.74
N PRO A 157 22.30 -7.85 2.03
CA PRO A 157 23.20 -8.89 2.54
C PRO A 157 23.04 -10.23 1.83
N THR A 158 24.18 -10.84 1.48
CA THR A 158 24.19 -12.11 0.76
C THR A 158 24.36 -13.29 1.73
N PHE B 1 -5.55 -14.95 -13.65
CA PHE B 1 -5.74 -14.91 -12.16
C PHE B 1 -6.29 -13.56 -11.74
N ALA B 2 -7.43 -13.61 -11.06
CA ALA B 2 -8.03 -12.41 -10.46
C ALA B 2 -8.77 -12.76 -9.17
N CYS B 3 -9.22 -11.73 -8.46
CA CYS B 3 -9.85 -11.89 -7.15
C CYS B 3 -11.09 -11.03 -7.10
N LYS B 4 -12.05 -11.44 -6.28
CA LYS B 4 -13.29 -10.67 -6.09
C LYS B 4 -13.55 -10.56 -4.59
N THR B 5 -14.43 -9.65 -4.20
CA THR B 5 -14.83 -9.56 -2.79
C THR B 5 -16.32 -9.82 -2.66
N ALA B 6 -16.73 -10.23 -1.46
CA ALA B 6 -18.13 -10.45 -1.12
C ALA B 6 -18.94 -9.17 -1.27
N ASN B 7 -20.10 -9.30 -1.93
CA ASN B 7 -20.92 -8.16 -2.41
C ASN B 7 -20.17 -6.84 -2.73
N GLY B 8 -19.10 -6.97 -3.50
CA GLY B 8 -18.43 -5.78 -3.93
C GLY B 8 -17.72 -5.90 -5.26
N THR B 9 -16.41 -5.96 -5.16
CA THR B 9 -15.60 -5.45 -6.22
C THR B 9 -14.73 -6.57 -6.78
N ALA B 10 -13.74 -6.20 -7.58
CA ALA B 10 -12.78 -7.17 -8.10
C ALA B 10 -11.43 -6.47 -8.25
N ILE B 11 -10.36 -7.24 -8.15
CA ILE B 11 -9.08 -6.75 -8.62
C ILE B 11 -8.78 -7.66 -9.80
N PRO B 12 -8.64 -7.06 -10.99
CA PRO B 12 -8.55 -7.87 -12.17
C PRO B 12 -7.13 -8.38 -12.40
N ILE B 13 -6.99 -9.16 -13.47
CA ILE B 13 -5.71 -9.68 -13.90
C ILE B 13 -4.69 -8.54 -13.90
N GLY B 14 -3.54 -8.80 -13.28
CA GLY B 14 -2.45 -7.81 -13.23
C GLY B 14 -2.40 -7.10 -11.90
N GLY B 15 -3.38 -7.35 -11.04
CA GLY B 15 -3.30 -6.83 -9.68
C GLY B 15 -3.88 -5.44 -9.60
N GLY B 16 -3.71 -4.79 -8.46
CA GLY B 16 -4.35 -3.53 -8.20
C GLY B 16 -4.60 -3.41 -6.70
N SER B 17 -5.64 -2.65 -6.34
CA SER B 17 -5.93 -2.29 -4.96
C SER B 17 -7.46 -2.36 -4.81
N ALA B 18 -7.95 -2.81 -3.66
CA ALA B 18 -9.38 -2.65 -3.35
C ALA B 18 -9.59 -2.32 -1.88
N ASN B 19 -10.77 -1.79 -1.56
CA ASN B 19 -11.18 -1.63 -0.15
C ASN B 19 -12.10 -2.77 0.25
N VAL B 20 -11.85 -3.33 1.43
CA VAL B 20 -12.69 -4.40 1.99
C VAL B 20 -13.35 -3.94 3.30
N TYR B 21 -14.67 -4.00 3.38
CA TYR B 21 -15.38 -3.51 4.55
C TYR B 21 -15.94 -4.70 5.33
N VAL B 22 -15.43 -4.90 6.55
CA VAL B 22 -15.70 -6.11 7.30
C VAL B 22 -16.43 -5.83 8.61
N ASN B 23 -17.42 -6.67 8.92
CA ASN B 23 -18.18 -6.59 10.17
C ASN B 23 -17.40 -7.18 11.31
N LEU B 24 -17.40 -6.48 12.43
CA LEU B 24 -16.61 -6.91 13.57
C LEU B 24 -17.50 -7.09 14.78
N ALA B 25 -17.12 -7.98 15.68
CA ALA B 25 -17.81 -8.07 16.97
C ALA B 25 -17.88 -6.66 17.60
N PRO B 26 -19.07 -6.23 18.04
CA PRO B 26 -19.17 -4.92 18.66
C PRO B 26 -18.45 -4.82 20.00
N VAL B 27 -18.22 -5.95 20.65
CA VAL B 27 -17.64 -5.97 22.00
C VAL B 27 -16.58 -7.07 22.08
N VAL B 28 -15.36 -6.70 22.45
CA VAL B 28 -14.34 -7.70 22.72
C VAL B 28 -13.66 -7.33 24.02
N ASN B 29 -13.82 -8.18 25.03
CA ASN B 29 -13.21 -7.94 26.33
C ASN B 29 -11.71 -8.20 26.32
N VAL B 30 -10.98 -7.57 27.23
CA VAL B 30 -9.58 -7.96 27.42
C VAL B 30 -9.60 -9.45 27.73
N GLY B 31 -8.62 -10.19 27.22
CA GLY B 31 -8.65 -11.65 27.27
C GLY B 31 -9.41 -12.34 26.15
N GLN B 32 -10.42 -11.69 25.59
CA GLN B 32 -11.21 -12.24 24.46
C GLN B 32 -10.55 -12.02 23.10
N ASN B 33 -11.05 -12.72 22.08
CA ASN B 33 -10.53 -12.57 20.72
C ASN B 33 -11.49 -11.94 19.74
N LEU B 34 -10.96 -11.02 18.94
CA LEU B 34 -11.63 -10.49 17.75
C LEU B 34 -11.07 -11.21 16.50
N VAL B 35 -11.96 -11.87 15.78
CA VAL B 35 -11.56 -12.58 14.57
C VAL B 35 -12.00 -11.82 13.33
N VAL B 36 -11.03 -11.52 12.47
CA VAL B 36 -11.29 -10.87 11.19
C VAL B 36 -10.96 -11.89 10.12
N ASP B 37 -11.96 -12.62 9.68
CA ASP B 37 -11.76 -13.69 8.71
C ASP B 37 -11.97 -13.21 7.27
N LEU B 38 -10.90 -13.05 6.52
CA LEU B 38 -11.02 -12.60 5.13
C LEU B 38 -11.36 -13.74 4.17
N SER B 39 -11.25 -14.98 4.64
CA SER B 39 -11.67 -16.15 3.86
C SER B 39 -13.13 -16.10 3.45
N THR B 40 -13.96 -15.34 4.18
CA THR B 40 -15.35 -15.12 3.75
C THR B 40 -15.53 -13.86 2.91
N GLN B 41 -14.44 -13.12 2.70
CA GLN B 41 -14.53 -11.82 2.05
C GLN B 41 -13.79 -11.78 0.70
N ILE B 42 -12.64 -12.46 0.65
CA ILE B 42 -11.76 -12.40 -0.50
C ILE B 42 -11.63 -13.76 -1.18
N PHE B 43 -11.92 -13.79 -2.47
CA PHE B 43 -12.00 -15.01 -3.25
C PHE B 43 -11.15 -14.80 -4.50
N CYS B 44 -10.35 -15.81 -4.86
CA CYS B 44 -9.55 -15.74 -6.09
C CYS B 44 -9.68 -17.01 -6.91
N HIS B 45 -9.30 -16.91 -8.19
CA HIS B 45 -9.34 -18.05 -9.11
C HIS B 45 -8.20 -17.97 -10.14
N ASN B 46 -7.91 -19.13 -10.74
CA ASN B 46 -6.91 -19.32 -11.79
C ASN B 46 -7.62 -19.28 -13.13
N ASP B 47 -7.08 -18.55 -14.09
CA ASP B 47 -7.82 -18.32 -15.33
C ASP B 47 -7.53 -19.33 -16.44
N TYR B 48 -6.41 -20.03 -16.32
CA TYR B 48 -5.98 -21.01 -17.32
C TYR B 48 -5.37 -22.21 -16.61
N PRO B 49 -6.16 -22.87 -15.74
CA PRO B 49 -5.69 -23.91 -14.85
C PRO B 49 -5.32 -25.18 -15.60
N GLU B 50 -5.98 -25.44 -16.73
CA GLU B 50 -5.60 -26.53 -17.61
C GLU B 50 -4.11 -26.44 -17.99
N THR B 51 -3.54 -25.22 -17.93
CA THR B 51 -2.19 -24.92 -18.46
C THR B 51 -1.19 -24.28 -17.46
N ILE B 52 -1.71 -23.61 -16.43
CA ILE B 52 -0.87 -22.79 -15.54
C ILE B 52 -1.14 -23.12 -14.06
N THR B 53 -0.10 -23.11 -13.26
CA THR B 53 -0.25 -23.11 -11.81
C THR B 53 0.01 -21.70 -11.25
N ASP B 54 -0.94 -21.20 -10.47
CA ASP B 54 -0.83 -19.88 -9.84
C ASP B 54 -0.37 -20.00 -8.38
N TYR B 55 0.61 -19.19 -7.99
CA TYR B 55 1.13 -19.21 -6.63
C TYR B 55 0.83 -17.91 -5.87
N VAL B 56 0.31 -18.04 -4.66
CA VAL B 56 -0.24 -16.90 -3.94
C VAL B 56 0.25 -16.84 -2.51
N THR B 57 0.92 -15.75 -2.13
CA THR B 57 1.35 -15.55 -0.74
C THR B 57 0.68 -14.34 -0.09
N LEU B 58 0.58 -14.37 1.24
CA LEU B 58 0.55 -13.14 2.02
C LEU B 58 1.95 -12.57 2.14
N GLN B 59 2.25 -11.61 1.26
CA GLN B 59 3.56 -10.98 1.22
C GLN B 59 3.82 -10.11 2.45
N ARG B 60 2.83 -9.35 2.85
CA ARG B 60 2.93 -8.51 4.04
C ARG B 60 1.53 -8.22 4.56
N GLY B 61 1.42 -8.13 5.89
CA GLY B 61 0.22 -7.67 6.56
C GLY B 61 0.62 -6.60 7.54
N SER B 62 -0.06 -5.46 7.48
CA SER B 62 0.21 -4.32 8.35
C SER B 62 -1.04 -3.88 9.07
N ALA B 63 -0.87 -3.38 10.29
CA ALA B 63 -1.95 -2.91 11.16
C ALA B 63 -2.05 -1.39 11.11
N TYR B 64 -3.27 -0.85 11.23
CA TYR B 64 -3.50 0.59 11.23
C TYR B 64 -4.54 0.97 12.28
N GLY B 65 -4.61 2.27 12.57
CA GLY B 65 -5.64 2.82 13.46
C GLY B 65 -5.70 2.14 14.82
N GLY B 66 -6.92 1.88 15.29
CA GLY B 66 -7.13 1.17 16.55
C GLY B 66 -6.60 -0.25 16.61
N VAL B 67 -6.50 -0.93 15.48
CA VAL B 67 -5.90 -2.27 15.51
C VAL B 67 -4.40 -2.17 15.83
N LEU B 68 -3.72 -1.21 15.21
CA LEU B 68 -2.31 -0.93 15.48
C LEU B 68 -2.03 -0.54 16.94
N SER B 69 -2.82 0.38 17.47
CA SER B 69 -2.58 0.88 18.83
C SER B 69 -3.15 0.02 19.97
N ASN B 70 -4.29 -0.64 19.72
CA ASN B 70 -5.09 -1.22 20.80
C ASN B 70 -5.15 -2.77 20.81
N PHE B 71 -4.54 -3.42 19.84
CA PHE B 71 -4.65 -4.88 19.73
C PHE B 71 -3.29 -5.49 19.45
N SER B 72 -3.15 -6.75 19.83
CA SER B 72 -2.02 -7.56 19.37
C SER B 72 -2.57 -8.88 18.85
N GLY B 73 -1.74 -9.61 18.12
CA GLY B 73 -2.17 -10.91 17.65
C GLY B 73 -1.42 -11.47 16.46
N THR B 74 -2.09 -12.39 15.76
CA THR B 74 -1.46 -13.21 14.73
C THR B 74 -2.27 -13.20 13.44
N VAL B 75 -1.63 -13.64 12.36
CA VAL B 75 -2.34 -13.97 11.13
C VAL B 75 -2.23 -15.46 10.84
N LYS B 76 -3.37 -16.11 10.63
CA LYS B 76 -3.39 -17.49 10.18
C LYS B 76 -3.57 -17.53 8.66
N TYR B 77 -2.53 -17.97 7.96
CA TYR B 77 -2.57 -18.19 6.51
C TYR B 77 -2.53 -19.68 6.17
N SER B 78 -3.60 -20.17 5.56
CA SER B 78 -3.75 -21.60 5.27
C SER B 78 -3.13 -22.48 6.37
N GLY B 79 -3.65 -22.35 7.58
CA GLY B 79 -3.38 -23.33 8.64
C GLY B 79 -2.22 -23.00 9.55
N SER B 80 -1.20 -22.32 9.04
CA SER B 80 -0.08 -21.90 9.89
C SER B 80 -0.29 -20.48 10.41
N SER B 81 0.10 -20.24 11.66
CA SER B 81 -0.02 -18.92 12.28
C SER B 81 1.30 -18.17 12.21
N TYR B 82 1.20 -16.84 12.14
CA TYR B 82 2.36 -15.97 12.06
C TYR B 82 2.06 -14.71 12.85
N PRO B 83 3.11 -13.99 13.27
CA PRO B 83 2.90 -12.68 13.90
C PRO B 83 2.23 -11.70 12.94
N PHE B 84 1.36 -10.86 13.50
CA PHE B 84 0.75 -9.73 12.79
C PHE B 84 0.85 -8.49 13.66
N PRO B 85 1.40 -7.39 13.13
CA PRO B 85 1.90 -7.25 11.75
C PRO B 85 3.00 -8.26 11.41
N THR B 86 3.13 -8.57 10.13
CA THR B 86 4.01 -9.63 9.65
C THR B 86 5.48 -9.21 9.57
N THR B 87 6.37 -10.20 9.47
CA THR B 87 7.82 -9.97 9.37
C THR B 87 8.44 -10.71 8.20
N SER B 88 7.65 -11.56 7.55
CA SER B 88 8.11 -12.27 6.35
C SER B 88 6.94 -12.68 5.48
N GLU B 89 7.19 -12.82 4.18
CA GLU B 89 6.27 -13.46 3.25
C GLU B 89 5.97 -14.91 3.65
N THR B 90 4.69 -15.28 3.56
CA THR B 90 4.25 -16.63 3.87
C THR B 90 4.63 -17.62 2.76
N PRO B 91 4.56 -18.93 3.07
CA PRO B 91 4.50 -19.97 2.06
C PRO B 91 3.44 -19.70 1.00
N ARG B 92 3.54 -20.38 -0.14
CA ARG B 92 2.56 -20.25 -1.19
C ARG B 92 1.34 -21.13 -0.97
N VAL B 93 0.19 -20.61 -1.40
CA VAL B 93 -0.99 -21.41 -1.65
C VAL B 93 -1.19 -21.47 -3.18
N VAL B 94 -1.53 -22.66 -3.67
CA VAL B 94 -1.75 -22.87 -5.10
C VAL B 94 -3.20 -22.58 -5.45
N TYR B 95 -3.40 -21.86 -6.56
CA TYR B 95 -4.71 -21.76 -7.17
C TYR B 95 -4.65 -22.49 -8.49
N ASN B 96 -5.53 -23.48 -8.65
CA ASN B 96 -5.46 -24.43 -9.77
C ASN B 96 -6.82 -24.69 -10.38
N SER B 97 -7.75 -23.76 -10.17
CA SER B 97 -9.09 -23.91 -10.69
C SER B 97 -9.71 -22.56 -10.97
N ARG B 98 -10.66 -22.54 -11.89
CA ARG B 98 -11.38 -21.33 -12.32
C ARG B 98 -12.50 -20.96 -11.36
N THR B 99 -12.74 -21.83 -10.38
CA THR B 99 -13.80 -21.60 -9.41
C THR B 99 -13.23 -20.85 -8.20
N ASP B 100 -13.91 -19.79 -7.80
CA ASP B 100 -13.50 -18.97 -6.65
C ASP B 100 -13.09 -19.83 -5.47
N LYS B 101 -11.85 -19.65 -5.03
CA LYS B 101 -11.37 -20.20 -3.78
C LYS B 101 -11.16 -19.03 -2.81
N PRO B 102 -11.60 -19.19 -1.53
CA PRO B 102 -11.25 -18.20 -0.52
C PRO B 102 -9.76 -17.94 -0.47
N TRP B 103 -9.38 -16.69 -0.21
CA TRP B 103 -8.05 -16.41 0.28
C TRP B 103 -8.03 -16.74 1.77
N PRO B 104 -7.26 -17.75 2.16
CA PRO B 104 -7.35 -18.26 3.52
C PRO B 104 -6.58 -17.40 4.53
N VAL B 105 -7.01 -16.16 4.72
CA VAL B 105 -6.34 -15.24 5.67
C VAL B 105 -7.32 -14.86 6.77
N ALA B 106 -6.87 -14.99 8.02
CA ALA B 106 -7.65 -14.54 9.16
C ALA B 106 -6.77 -13.87 10.21
N LEU B 107 -7.22 -12.74 10.72
CA LEU B 107 -6.51 -12.04 11.79
C LEU B 107 -7.09 -12.45 13.13
N TYR B 108 -6.22 -12.78 14.06
CA TYR B 108 -6.61 -13.14 15.40
C TYR B 108 -6.14 -12.07 16.38
N LEU B 109 -7.07 -11.23 16.83
CA LEU B 109 -6.70 -9.99 17.52
C LEU B 109 -7.24 -9.93 18.93
N THR B 110 -6.38 -9.55 19.86
CA THR B 110 -6.75 -9.45 21.25
C THR B 110 -6.28 -8.15 21.89
N PRO B 111 -7.17 -7.48 22.65
CA PRO B 111 -6.88 -6.17 23.23
C PRO B 111 -5.59 -6.15 24.07
N VAL B 112 -4.84 -5.06 23.95
CA VAL B 112 -3.81 -4.73 24.95
C VAL B 112 -4.50 -4.51 26.31
N SER B 113 -3.78 -4.80 27.39
CA SER B 113 -4.39 -4.89 28.72
C SER B 113 -5.01 -3.57 29.17
N SER B 114 -4.53 -2.47 28.57
CA SER B 114 -4.92 -1.12 28.97
C SER B 114 -6.02 -0.52 28.09
N ALA B 115 -6.49 -1.28 27.11
CA ALA B 115 -7.52 -0.80 26.18
C ALA B 115 -8.94 -0.87 26.78
N GLY B 116 -9.74 0.16 26.52
CA GLY B 116 -11.12 0.18 26.97
C GLY B 116 -11.89 1.21 26.19
N GLY B 117 -13.21 1.11 26.22
CA GLY B 117 -14.05 1.98 25.40
C GLY B 117 -13.86 1.65 23.93
N VAL B 118 -13.91 2.68 23.09
CA VAL B 118 -13.91 2.46 21.66
C VAL B 118 -12.49 2.21 21.17
N ALA B 119 -12.18 0.94 20.92
CA ALA B 119 -10.84 0.50 20.51
C ALA B 119 -10.65 0.47 18.97
N ILE B 120 -11.75 0.37 18.23
CA ILE B 120 -11.74 0.53 16.75
C ILE B 120 -12.92 1.41 16.35
N LYS B 121 -12.69 2.45 15.56
CA LYS B 121 -13.78 3.31 15.08
C LYS B 121 -14.38 2.78 13.79
N ALA B 122 -15.71 2.92 13.67
CA ALA B 122 -16.44 2.55 12.48
C ALA B 122 -15.88 3.31 11.28
N GLY B 123 -15.69 2.61 10.16
CA GLY B 123 -15.28 3.27 8.93
C GLY B 123 -13.78 3.45 8.85
N SER B 124 -13.04 3.03 9.88
CA SER B 124 -11.60 3.26 9.88
C SER B 124 -10.81 2.11 9.28
N LEU B 125 -9.65 2.45 8.73
CA LEU B 125 -8.72 1.47 8.21
C LEU B 125 -8.10 0.69 9.38
N ILE B 126 -8.10 -0.64 9.31
CA ILE B 126 -7.54 -1.45 10.39
C ILE B 126 -6.35 -2.29 9.94
N ALA B 127 -6.25 -2.53 8.64
CA ALA B 127 -5.24 -3.42 8.11
C ALA B 127 -5.00 -3.26 6.61
N VAL B 128 -3.76 -3.54 6.21
CA VAL B 128 -3.45 -3.73 4.79
C VAL B 128 -2.79 -5.09 4.65
N LEU B 129 -3.34 -5.90 3.74
CA LEU B 129 -2.81 -7.22 3.43
C LEU B 129 -2.48 -7.29 1.95
N ILE B 130 -1.24 -7.63 1.62
CA ILE B 130 -0.82 -7.75 0.24
C ILE B 130 -0.77 -9.21 -0.20
N LEU B 131 -1.59 -9.51 -1.19
CA LEU B 131 -1.55 -10.77 -1.88
C LEU B 131 -0.60 -10.66 -3.08
N ARG B 132 0.45 -11.48 -3.05
CA ARG B 132 1.40 -11.58 -4.15
C ARG B 132 1.11 -12.84 -4.98
N GLN B 133 0.85 -12.64 -6.27
CA GLN B 133 0.57 -13.76 -7.15
C GLN B 133 1.65 -13.91 -8.23
N THR B 134 2.17 -15.14 -8.32
CA THR B 134 3.10 -15.55 -9.37
C THR B 134 2.54 -16.81 -10.04
N ASN B 135 3.30 -17.42 -10.96
CA ASN B 135 2.83 -18.64 -11.63
C ASN B 135 4.00 -19.53 -12.06
N ASN B 136 3.69 -20.60 -12.77
CA ASN B 136 4.71 -21.51 -13.32
C ASN B 136 4.78 -21.43 -14.84
N TYR B 137 4.71 -20.21 -15.36
CA TYR B 137 4.41 -19.98 -16.76
C TYR B 137 5.22 -18.84 -17.35
N ASN B 138 5.33 -17.74 -16.60
CA ASN B 138 6.02 -16.56 -17.10
C ASN B 138 6.55 -15.71 -15.96
N SER B 139 6.84 -14.43 -16.23
CA SER B 139 7.45 -13.58 -15.22
C SER B 139 6.44 -12.80 -14.37
N ASP B 140 5.15 -13.10 -14.54
CA ASP B 140 4.08 -12.36 -13.86
C ASP B 140 4.29 -12.40 -12.35
N ASP B 141 4.32 -11.23 -11.75
CA ASP B 141 4.52 -11.06 -10.32
C ASP B 141 3.66 -9.88 -9.91
N PHE B 142 2.46 -10.16 -9.41
CA PHE B 142 1.43 -9.12 -9.27
C PHE B 142 1.01 -8.94 -7.82
N GLN B 143 0.81 -7.69 -7.42
CA GLN B 143 0.30 -7.38 -6.09
C GLN B 143 -1.18 -7.03 -6.12
N PHE B 144 -1.91 -7.63 -5.19
CA PHE B 144 -3.33 -7.45 -5.02
C PHE B 144 -3.41 -6.88 -3.63
N VAL B 145 -3.73 -5.59 -3.55
CA VAL B 145 -3.60 -4.89 -2.28
C VAL B 145 -4.93 -4.65 -1.62
N TRP B 146 -5.13 -5.27 -0.46
CA TRP B 146 -6.42 -5.23 0.21
C TRP B 146 -6.37 -4.28 1.40
N ASN B 147 -7.16 -3.21 1.30
CA ASN B 147 -7.26 -2.22 2.37
C ASN B 147 -8.49 -2.56 3.18
N ILE B 148 -8.27 -2.95 4.43
CA ILE B 148 -9.32 -3.52 5.25
C ILE B 148 -9.85 -2.46 6.23
N TYR B 149 -11.15 -2.22 6.15
CA TYR B 149 -11.85 -1.21 6.96
C TYR B 149 -12.86 -1.90 7.88
N ALA B 150 -12.96 -1.42 9.12
CA ALA B 150 -14.04 -1.77 10.03
C ALA B 150 -15.36 -1.18 9.58
N ASN B 151 -16.41 -1.99 9.57
CA ASN B 151 -17.75 -1.49 9.36
C ASN B 151 -18.35 -0.85 10.60
N ASN B 152 -17.89 -1.24 11.78
CA ASN B 152 -18.50 -0.77 13.02
C ASN B 152 -17.49 -0.52 14.12
N ASP B 153 -17.92 0.25 15.13
CA ASP B 153 -17.16 0.43 16.36
C ASP B 153 -16.99 -0.91 17.05
N VAL B 154 -15.80 -1.13 17.57
CA VAL B 154 -15.52 -2.27 18.43
C VAL B 154 -15.14 -1.74 19.81
N VAL B 155 -15.89 -2.15 20.81
CA VAL B 155 -15.73 -1.61 22.16
C VAL B 155 -15.08 -2.68 23.04
N VAL B 156 -14.02 -2.31 23.74
CA VAL B 156 -13.45 -3.17 24.77
C VAL B 156 -14.05 -2.72 26.11
N PRO B 157 -14.97 -3.52 26.69
CA PRO B 157 -15.62 -3.04 27.91
C PRO B 157 -14.69 -3.10 29.13
N THR B 158 -15.06 -2.35 30.14
CA THR B 158 -14.18 -2.07 31.28
C THR B 158 -14.81 -2.50 32.61
#